data_9RQ6
#
_entry.id   9RQ6
#
_cell.length_a   67.914
_cell.length_b   89.690
_cell.length_c   44.879
_cell.angle_alpha   90.000
_cell.angle_beta   90.000
_cell.angle_gamma   90.000
#
_symmetry.space_group_name_H-M   'P 21 21 2'
#
loop_
_entity.id
_entity.type
_entity.pdbx_description
1 polymer 'FosA family fosfomycin resistance glutathione transferase'
2 non-polymer 'methyl 2-(2,4-dimethoxyphenyl)ethanoate'
3 non-polymer 1,2-ETHANEDIOL
4 non-polymer 'MANGANESE (II) ION'
5 non-polymer 'DIMETHYL SULFOXIDE'
6 water water
#
_entity_poly.entity_id   1
_entity_poly.type   'polypeptide(L)'
_entity_poly.pdbx_seq_one_letter_code
;MLSGLNHLTLAVSQLAPSVAFYQQLLGMTLHARWDSGAYLSCGDLWLCLSLDPQRRVTPPEESDYTHYAFSISEADFASF
AARLEAAGVAVWKLNRSEGASHYFLDPDGHKLELHVGSLAQRLAACREQPYKGMVFFEQHHHHHH
;
_entity_poly.pdbx_strand_id   A,B
#
loop_
_chem_comp.id
_chem_comp.type
_chem_comp.name
_chem_comp.formula
A1JH8 non-polymer 'methyl 2-(2,4-dimethoxyphenyl)ethanoate' 'C11 H14 O4'
DMS non-polymer 'DIMETHYL SULFOXIDE' 'C2 H6 O S'
EDO non-polymer 1,2-ETHANEDIOL 'C2 H6 O2'
MN non-polymer 'MANGANESE (II) ION' 'Mn 2'
#
# COMPACT_ATOMS: atom_id res chain seq x y z
N MET A 1 15.59 -11.73 -4.29
CA MET A 1 14.13 -11.85 -4.05
C MET A 1 13.52 -10.48 -3.76
N LEU A 2 12.23 -10.48 -3.45
CA LEU A 2 11.58 -9.24 -3.06
C LEU A 2 11.90 -8.95 -1.62
N SER A 3 12.10 -7.67 -1.30
N SER A 3 12.16 -7.69 -1.31
CA SER A 3 12.60 -7.33 0.03
CA SER A 3 12.38 -7.33 0.09
C SER A 3 11.75 -6.36 0.83
C SER A 3 11.81 -5.95 0.36
N GLY A 4 10.59 -5.97 0.35
N GLY A 4 10.61 -5.92 0.91
CA GLY A 4 9.71 -5.11 1.10
CA GLY A 4 10.01 -4.70 1.35
C GLY A 4 8.94 -4.21 0.16
C GLY A 4 9.20 -4.03 0.26
N LEU A 5 8.31 -3.17 0.71
CA LEU A 5 7.57 -2.25 -0.12
C LEU A 5 8.53 -1.14 -0.51
N ASN A 6 8.75 -0.98 -1.81
CA ASN A 6 9.56 0.12 -2.30
C ASN A 6 8.84 1.45 -2.20
N HIS A 7 7.58 1.50 -2.62
CA HIS A 7 6.76 2.68 -2.46
C HIS A 7 5.29 2.30 -2.55
N LEU A 8 4.46 3.17 -1.99
CA LEU A 8 3.02 3.16 -2.13
C LEU A 8 2.61 4.37 -2.96
N THR A 9 1.90 4.14 -4.06
CA THR A 9 1.39 5.23 -4.88
C THR A 9 -0.12 5.27 -4.77
N LEU A 10 -0.65 6.41 -4.36
CA LEU A 10 -2.08 6.63 -4.30
C LEU A 10 -2.48 7.59 -5.41
N ALA A 11 -3.46 7.18 -6.21
CA ALA A 11 -4.05 8.08 -7.18
C ALA A 11 -4.95 9.08 -6.45
N VAL A 12 -4.84 10.35 -6.79
CA VAL A 12 -5.63 11.38 -6.14
C VAL A 12 -6.34 12.21 -7.20
N SER A 13 -7.50 12.74 -6.85
CA SER A 13 -8.28 13.53 -7.78
C SER A 13 -7.93 15.01 -7.73
N GLN A 14 -7.49 15.51 -6.58
CA GLN A 14 -7.10 16.90 -6.41
C GLN A 14 -5.81 16.91 -5.62
N LEU A 15 -4.73 17.37 -6.23
CA LEU A 15 -3.42 17.17 -5.63
C LEU A 15 -3.25 17.97 -4.34
N ALA A 16 -3.62 19.24 -4.35
CA ALA A 16 -3.31 20.08 -3.20
C ALA A 16 -4.03 19.62 -1.95
N PRO A 17 -5.32 19.31 -1.96
N PRO A 17 -5.34 19.38 -1.94
CA PRO A 17 -5.95 18.82 -0.73
CA PRO A 17 -5.98 18.82 -0.74
C PRO A 17 -5.38 17.51 -0.26
C PRO A 17 -5.35 17.52 -0.28
N SER A 18 -4.96 16.65 -1.18
N SER A 18 -4.94 16.65 -1.21
CA SER A 18 -4.34 15.39 -0.76
CA SER A 18 -4.33 15.39 -0.80
C SER A 18 -2.97 15.62 -0.14
C SER A 18 -2.99 15.63 -0.14
N VAL A 19 -2.15 16.49 -0.72
CA VAL A 19 -0.89 16.83 -0.09
C VAL A 19 -1.13 17.38 1.31
N ALA A 20 -2.10 18.28 1.44
CA ALA A 20 -2.39 18.86 2.74
C ALA A 20 -2.81 17.79 3.74
N PHE A 21 -3.61 16.83 3.31
CA PHE A 21 -4.05 15.79 4.20
C PHE A 21 -2.87 15.00 4.74
N TYR A 22 -2.01 14.53 3.85
CA TYR A 22 -0.91 13.67 4.28
C TYR A 22 0.17 14.43 5.03
N GLN A 23 0.48 15.64 4.59
CA GLN A 23 1.53 16.43 5.22
C GLN A 23 1.01 17.15 6.46
N GLN A 24 -0.03 17.96 6.31
CA GLN A 24 -0.46 18.77 7.45
C GLN A 24 -1.21 17.94 8.47
N LEU A 25 -2.20 17.17 8.03
CA LEU A 25 -3.05 16.49 8.99
C LEU A 25 -2.36 15.25 9.55
N LEU A 26 -1.75 14.44 8.69
CA LEU A 26 -1.12 13.21 9.16
C LEU A 26 0.35 13.39 9.57
N GLY A 27 0.98 14.52 9.23
CA GLY A 27 2.31 14.78 9.70
C GLY A 27 3.42 14.15 8.90
N MET A 28 3.12 13.65 7.71
CA MET A 28 4.18 13.07 6.91
C MET A 28 5.10 14.16 6.37
N THR A 29 6.28 13.77 5.93
CA THR A 29 7.26 14.71 5.44
C THR A 29 7.12 14.90 3.94
N LEU A 30 6.91 16.13 3.49
CA LEU A 30 6.83 16.44 2.07
C LEU A 30 8.23 16.73 1.53
N HIS A 31 8.65 15.98 0.53
CA HIS A 31 9.96 16.17 -0.10
C HIS A 31 9.89 16.95 -1.40
N ALA A 32 8.86 16.76 -2.20
CA ALA A 32 8.77 17.45 -3.46
C ALA A 32 7.33 17.38 -3.94
N ARG A 33 6.94 18.39 -4.72
N ARG A 33 6.94 18.38 -4.70
CA ARG A 33 5.62 18.46 -5.32
CA ARG A 33 5.67 18.31 -5.40
C ARG A 33 5.76 19.07 -6.72
C ARG A 33 5.89 18.91 -6.78
N TRP A 34 5.01 18.54 -7.69
CA TRP A 34 5.06 19.03 -9.06
C TRP A 34 3.63 19.09 -9.56
N ASP A 35 3.46 19.44 -10.82
CA ASP A 35 2.10 19.73 -11.28
C ASP A 35 1.20 18.51 -11.20
N SER A 36 1.78 17.30 -11.23
N SER A 36 1.76 17.29 -11.23
CA SER A 36 1.01 16.07 -11.30
CA SER A 36 0.90 16.11 -11.22
C SER A 36 1.26 15.10 -10.14
C SER A 36 1.34 15.08 -10.19
N GLY A 37 1.99 15.50 -9.11
CA GLY A 37 2.20 14.57 -8.02
C GLY A 37 3.00 15.15 -6.88
N ALA A 38 3.25 14.29 -5.90
CA ALA A 38 4.07 14.67 -4.76
C ALA A 38 4.74 13.43 -4.20
N TYR A 39 5.91 13.63 -3.61
CA TYR A 39 6.63 12.61 -2.88
C TYR A 39 6.71 12.99 -1.41
N LEU A 40 6.29 12.06 -0.56
CA LEU A 40 6.33 12.20 0.88
C LEU A 40 7.00 10.98 1.50
N SER A 41 7.43 11.12 2.74
CA SER A 41 7.87 9.96 3.49
C SER A 41 7.18 9.92 4.83
N CYS A 42 7.04 8.72 5.34
CA CYS A 42 6.49 8.47 6.67
C CYS A 42 7.42 7.41 7.26
N GLY A 43 8.36 7.83 8.09
CA GLY A 43 9.41 6.90 8.47
C GLY A 43 10.13 6.45 7.21
N ASP A 44 10.28 5.13 7.07
N ASP A 44 10.27 5.13 7.07
CA ASP A 44 10.91 4.56 5.88
CA ASP A 44 10.90 4.56 5.89
C ASP A 44 9.98 4.50 4.67
C ASP A 44 9.94 4.32 4.73
N LEU A 45 8.68 4.71 4.84
CA LEU A 45 7.75 4.59 3.72
C LEU A 45 7.92 5.74 2.74
N TRP A 46 8.08 5.40 1.47
CA TRP A 46 8.00 6.34 0.36
C TRP A 46 6.57 6.32 -0.15
N LEU A 47 5.88 7.44 0.01
CA LEU A 47 4.52 7.65 -0.46
C LEU A 47 4.55 8.58 -1.67
N CYS A 48 3.91 8.15 -2.73
N CYS A 48 3.91 8.16 -2.75
CA CYS A 48 3.69 8.97 -3.91
CA CYS A 48 3.72 9.01 -3.90
C CYS A 48 2.20 9.28 -3.98
C CYS A 48 2.23 9.28 -4.09
N LEU A 49 1.88 10.56 -4.18
CA LEU A 49 0.53 10.97 -4.55
C LEU A 49 0.58 11.33 -6.03
N SER A 50 -0.27 10.69 -6.82
CA SER A 50 -0.23 10.86 -8.26
C SER A 50 -1.58 11.39 -8.72
N LEU A 51 -1.57 12.60 -9.31
CA LEU A 51 -2.79 13.18 -9.82
C LEU A 51 -3.31 12.33 -10.97
N ASP A 52 -4.53 11.81 -10.86
CA ASP A 52 -5.06 10.90 -11.86
C ASP A 52 -6.48 11.34 -12.18
N PRO A 53 -6.76 11.79 -13.41
CA PRO A 53 -8.15 12.12 -13.75
C PRO A 53 -9.11 10.96 -13.62
N GLN A 54 -8.61 9.72 -13.55
N GLN A 54 -8.62 9.71 -13.53
CA GLN A 54 -9.46 8.55 -13.34
CA GLN A 54 -9.49 8.57 -13.36
C GLN A 54 -9.88 8.35 -11.89
C GLN A 54 -9.74 8.21 -11.89
N ARG A 55 -9.18 8.94 -10.93
CA ARG A 55 -9.53 8.72 -9.53
C ARG A 55 -10.89 9.32 -9.20
N ARG A 56 -11.75 8.52 -8.60
CA ARG A 56 -13.04 9.01 -8.11
C ARG A 56 -13.04 9.04 -6.60
N VAL A 57 -13.76 10.01 -6.06
CA VAL A 57 -14.01 10.07 -4.62
C VAL A 57 -14.99 8.96 -4.33
N THR A 58 -14.57 7.97 -3.54
CA THR A 58 -15.29 6.73 -3.46
C THR A 58 -15.80 6.49 -2.05
N PRO A 59 -17.11 6.38 -1.86
CA PRO A 59 -17.61 6.09 -0.53
C PRO A 59 -17.17 4.70 -0.08
N PRO A 60 -17.02 4.49 1.23
CA PRO A 60 -16.42 3.25 1.70
C PRO A 60 -17.27 2.04 1.45
N GLU A 61 -18.59 2.19 1.31
CA GLU A 61 -19.45 1.07 1.00
C GLU A 61 -19.31 0.61 -0.44
N GLU A 62 -18.65 1.39 -1.28
N GLU A 62 -18.67 1.43 -1.30
CA GLU A 62 -18.51 1.04 -2.69
CA GLU A 62 -18.46 1.13 -2.71
C GLU A 62 -17.04 0.72 -3.04
C GLU A 62 -17.10 0.51 -3.00
N SER A 63 -16.18 0.53 -2.04
CA SER A 63 -14.86 -0.05 -2.24
C SER A 63 -14.70 -1.29 -1.38
N ASP A 64 -13.80 -2.16 -1.80
CA ASP A 64 -13.47 -3.35 -1.06
C ASP A 64 -12.58 -3.01 0.14
N TYR A 65 -12.15 -4.04 0.85
CA TYR A 65 -11.43 -3.90 2.13
C TYR A 65 -9.96 -3.55 1.96
N THR A 66 -9.45 -3.36 0.74
CA THR A 66 -8.05 -2.99 0.57
C THR A 66 -7.78 -1.72 1.36
N HIS A 67 -6.71 -1.70 2.15
CA HIS A 67 -6.44 -0.54 3.01
C HIS A 67 -4.98 -0.49 3.39
N TYR A 68 -4.58 0.66 3.93
CA TYR A 68 -3.19 1.02 4.19
C TYR A 68 -3.11 1.48 5.64
N ALA A 69 -2.35 0.77 6.45
CA ALA A 69 -2.23 1.08 7.86
C ALA A 69 -0.87 1.68 8.14
N PHE A 70 -0.87 2.73 8.96
CA PHE A 70 0.33 3.43 9.41
C PHE A 70 0.59 3.11 10.88
N SER A 71 1.87 2.95 11.22
CA SER A 71 2.27 2.65 12.57
C SER A 71 2.25 3.89 13.44
N ILE A 72 1.77 3.71 14.67
CA ILE A 72 1.79 4.73 15.69
C ILE A 72 2.00 4.05 17.03
N SER A 73 2.61 4.77 17.95
CA SER A 73 2.91 4.18 19.24
C SER A 73 1.65 4.10 20.10
N GLU A 74 1.74 3.23 21.10
CA GLU A 74 0.64 3.13 22.07
C GLU A 74 0.40 4.45 22.78
N ALA A 75 1.47 5.20 23.06
CA ALA A 75 1.32 6.48 23.76
C ALA A 75 0.64 7.55 22.91
N ASP A 76 0.82 7.51 21.59
CA ASP A 76 0.30 8.56 20.71
C ASP A 76 -1.05 8.20 20.08
N PHE A 77 -1.45 6.93 20.11
CA PHE A 77 -2.55 6.44 19.30
C PHE A 77 -3.86 7.19 19.57
N ALA A 78 -4.28 7.24 20.84
CA ALA A 78 -5.62 7.74 21.13
C ALA A 78 -5.73 9.21 20.82
N SER A 79 -4.72 10.01 21.14
N SER A 79 -4.72 9.99 21.18
CA SER A 79 -4.86 11.44 20.89
CA SER A 79 -4.74 11.42 20.91
C SER A 79 -4.81 11.75 19.40
C SER A 79 -4.86 11.69 19.41
N PHE A 80 -4.09 10.95 18.61
CA PHE A 80 -4.04 11.17 17.17
C PHE A 80 -5.39 10.81 16.57
N ALA A 81 -5.95 9.65 16.97
CA ALA A 81 -7.28 9.29 16.51
C ALA A 81 -8.31 10.35 16.89
N ALA A 82 -8.25 10.84 18.13
CA ALA A 82 -9.24 11.82 18.56
C ALA A 82 -9.08 13.12 17.78
N ARG A 83 -7.86 13.50 17.44
CA ARG A 83 -7.65 14.70 16.65
C ARG A 83 -8.22 14.56 15.25
N LEU A 84 -8.04 13.39 14.61
CA LEU A 84 -8.68 13.16 13.33
C LEU A 84 -10.20 13.26 13.44
N GLU A 85 -10.78 12.66 14.48
CA GLU A 85 -12.22 12.73 14.68
C GLU A 85 -12.69 14.16 14.83
N ALA A 86 -11.99 14.94 15.66
CA ALA A 86 -12.40 16.31 15.87
C ALA A 86 -12.24 17.14 14.61
N ALA A 87 -11.31 16.78 13.73
CA ALA A 87 -11.14 17.49 12.47
C ALA A 87 -12.16 17.08 11.42
N GLY A 88 -13.05 16.14 11.73
CA GLY A 88 -14.09 15.76 10.81
C GLY A 88 -13.69 14.72 9.79
N VAL A 89 -12.60 14.01 10.01
CA VAL A 89 -12.16 12.99 9.06
C VAL A 89 -13.14 11.82 9.11
N ALA A 90 -13.63 11.42 7.92
CA ALA A 90 -14.61 10.38 7.79
C ALA A 90 -14.02 9.02 8.13
N VAL A 91 -14.89 8.11 8.51
N VAL A 91 -14.88 8.11 8.58
CA VAL A 91 -14.43 6.80 8.94
CA VAL A 91 -14.46 6.82 9.12
C VAL A 91 -15.03 5.74 8.04
C VAL A 91 -15.22 5.69 8.43
N TRP A 92 -14.56 4.54 8.28
CA TRP A 92 -15.08 3.46 7.51
C TRP A 92 -15.22 2.20 8.32
N LYS A 93 -14.68 2.14 9.53
CA LYS A 93 -14.85 0.91 10.30
C LYS A 93 -14.70 1.22 11.78
N LEU A 94 -15.49 0.53 12.59
CA LEU A 94 -15.46 0.74 14.04
C LEU A 94 -14.99 -0.47 14.84
N ASN A 95 -15.28 -1.67 14.37
CA ASN A 95 -14.99 -2.89 15.14
C ASN A 95 -13.50 -3.22 15.04
N ARG A 96 -12.85 -3.34 16.19
CA ARG A 96 -11.42 -3.64 16.22
C ARG A 96 -11.23 -5.13 16.10
N SER A 97 -11.17 -5.59 14.85
CA SER A 97 -11.03 -6.99 14.54
C SER A 97 -9.57 -7.40 14.40
N GLU A 98 -8.62 -6.47 14.47
CA GLU A 98 -7.19 -6.79 14.30
C GLU A 98 -6.35 -5.95 15.26
N GLY A 99 -6.84 -5.76 16.47
CA GLY A 99 -6.12 -5.05 17.51
C GLY A 99 -6.50 -3.59 17.59
N ALA A 100 -5.56 -2.81 18.12
CA ALA A 100 -5.79 -1.39 18.39
C ALA A 100 -5.61 -0.63 17.09
N SER A 101 -6.74 -0.24 16.49
CA SER A 101 -6.74 0.41 15.19
C SER A 101 -7.81 1.48 15.14
N HIS A 102 -7.55 2.50 14.33
CA HIS A 102 -8.51 3.54 14.01
C HIS A 102 -8.61 3.61 12.49
N TYR A 103 -9.82 3.48 11.96
CA TYR A 103 -10.05 3.37 10.52
C TYR A 103 -10.62 4.68 9.98
N PHE A 104 -9.93 5.29 9.03
CA PHE A 104 -10.34 6.60 8.52
C PHE A 104 -10.08 6.67 7.03
N LEU A 105 -10.71 7.66 6.39
CA LEU A 105 -10.66 7.84 4.95
C LEU A 105 -9.87 9.08 4.56
N ASP A 106 -9.13 9.00 3.46
CA ASP A 106 -8.50 10.18 2.86
C ASP A 106 -9.54 10.90 2.01
N PRO A 107 -9.15 12.04 1.43
CA PRO A 107 -10.14 12.85 0.71
C PRO A 107 -10.78 12.14 -0.47
N ASP A 108 -10.10 11.17 -1.07
CA ASP A 108 -10.65 10.39 -2.18
C ASP A 108 -11.29 9.10 -1.74
N GLY A 109 -11.38 8.84 -0.44
CA GLY A 109 -11.91 7.57 0.02
C GLY A 109 -10.90 6.46 0.11
N HIS A 110 -9.60 6.73 -0.07
CA HIS A 110 -8.65 5.67 0.22
C HIS A 110 -8.83 5.25 1.68
N LYS A 111 -8.85 3.95 1.91
CA LYS A 111 -9.05 3.41 3.25
C LYS A 111 -7.74 3.36 4.00
N LEU A 112 -7.66 4.13 5.07
CA LEU A 112 -6.47 4.23 5.89
C LEU A 112 -6.75 3.71 7.29
N GLU A 113 -5.66 3.50 8.03
CA GLU A 113 -5.76 2.96 9.38
C GLU A 113 -4.56 3.46 10.17
N LEU A 114 -4.79 3.76 11.45
CA LEU A 114 -3.73 3.85 12.45
C LEU A 114 -3.71 2.54 13.20
N HIS A 115 -2.54 1.93 13.37
CA HIS A 115 -2.47 0.67 14.10
C HIS A 115 -1.27 0.66 15.03
N VAL A 116 -1.50 0.15 16.24
CA VAL A 116 -0.45 -0.08 17.22
C VAL A 116 -0.07 -1.56 17.19
N GLY A 117 1.17 -1.86 16.85
CA GLY A 117 1.67 -3.22 16.98
C GLY A 117 2.24 -3.78 15.70
N SER A 118 3.18 -4.71 15.84
CA SER A 118 3.85 -5.38 14.75
C SER A 118 3.10 -6.65 14.34
N LEU A 119 3.54 -7.24 13.24
CA LEU A 119 3.03 -8.54 12.83
C LEU A 119 3.31 -9.59 13.90
N ALA A 120 4.51 -9.58 14.49
CA ALA A 120 4.80 -10.54 15.55
C ALA A 120 3.80 -10.40 16.69
N GLN A 121 3.48 -9.15 17.07
CA GLN A 121 2.55 -8.95 18.17
C GLN A 121 1.15 -9.39 17.78
N ARG A 122 0.77 -9.19 16.51
N ARG A 122 0.76 -9.12 16.52
CA ARG A 122 -0.55 -9.61 16.09
CA ARG A 122 -0.51 -9.60 16.01
C ARG A 122 -0.65 -11.13 16.03
C ARG A 122 -0.58 -11.11 16.14
N LEU A 123 0.43 -11.81 15.64
CA LEU A 123 0.41 -13.26 15.64
C LEU A 123 0.28 -13.78 17.08
N ALA A 124 1.01 -13.17 18.01
CA ALA A 124 0.92 -13.60 19.40
C ALA A 124 -0.49 -13.37 19.94
N ALA A 125 -1.10 -12.24 19.62
CA ALA A 125 -2.47 -12.01 20.09
C ALA A 125 -3.43 -13.01 19.47
N CYS A 126 -3.21 -13.35 18.19
CA CYS A 126 -4.08 -14.29 17.48
C CYS A 126 -3.96 -15.71 18.01
N ARG A 127 -2.81 -16.06 18.56
CA ARG A 127 -2.72 -17.39 19.17
C ARG A 127 -3.71 -17.54 20.32
N GLU A 128 -3.97 -16.45 21.06
CA GLU A 128 -4.92 -16.50 22.17
C GLU A 128 -6.35 -16.29 21.70
N GLN A 129 -6.52 -15.44 20.71
CA GLN A 129 -7.84 -15.07 20.18
C GLN A 129 -7.74 -15.20 18.68
N PRO A 130 -7.71 -16.42 18.17
CA PRO A 130 -7.47 -16.62 16.74
C PRO A 130 -8.70 -16.29 15.92
N TYR A 131 -8.44 -15.92 14.68
N TYR A 131 -8.44 -15.94 14.66
CA TYR A 131 -9.50 -15.84 13.69
CA TYR A 131 -9.49 -15.92 13.68
C TYR A 131 -9.95 -17.26 13.33
C TYR A 131 -10.04 -17.32 13.52
N LYS A 132 -11.21 -17.41 12.92
CA LYS A 132 -11.78 -18.73 12.65
C LYS A 132 -10.93 -19.53 11.66
N GLY A 133 -10.58 -20.74 12.06
CA GLY A 133 -9.82 -21.63 11.20
C GLY A 133 -8.34 -21.31 11.12
N MET A 134 -7.82 -20.48 12.02
CA MET A 134 -6.45 -20.00 11.88
C MET A 134 -5.43 -21.10 12.10
N VAL A 135 -4.44 -21.14 11.20
N VAL A 135 -4.44 -21.14 11.21
CA VAL A 135 -3.26 -21.99 11.28
CA VAL A 135 -3.26 -21.99 11.33
C VAL A 135 -2.02 -21.09 11.23
C VAL A 135 -2.03 -21.10 11.24
N PHE A 136 -1.02 -21.44 12.02
CA PHE A 136 0.23 -20.70 12.11
C PHE A 136 1.34 -21.55 11.51
N PHE A 137 2.19 -20.92 10.72
CA PHE A 137 3.29 -21.63 10.08
C PHE A 137 4.61 -21.28 10.73
N MET B 1 2.59 10.65 16.28
CA MET B 1 3.44 10.74 15.06
C MET B 1 3.47 9.38 14.38
N LEU B 2 3.30 9.38 13.07
CA LEU B 2 3.30 8.12 12.34
C LEU B 2 4.74 7.74 12.01
N SER B 3 5.05 6.46 12.18
CA SER B 3 6.43 6.02 12.06
C SER B 3 6.71 5.14 10.86
N GLY B 4 5.72 4.84 10.03
CA GLY B 4 5.95 4.02 8.85
C GLY B 4 4.66 3.36 8.41
N LEU B 5 4.79 2.52 7.38
CA LEU B 5 3.68 1.66 6.99
C LEU B 5 3.61 0.47 7.94
N ASN B 6 2.47 0.31 8.58
CA ASN B 6 2.29 -0.82 9.47
C ASN B 6 1.97 -2.09 8.70
N HIS B 7 0.97 -2.03 7.82
CA HIS B 7 0.65 -3.15 6.95
C HIS B 7 -0.10 -2.67 5.73
N LEU B 8 -0.04 -3.49 4.69
CA LEU B 8 -0.82 -3.35 3.47
C LEU B 8 -1.81 -4.50 3.43
N THR B 9 -3.10 -4.20 3.28
CA THR B 9 -4.11 -5.22 3.14
C THR B 9 -4.71 -5.14 1.76
N LEU B 10 -4.70 -6.27 1.08
CA LEU B 10 -5.33 -6.42 -0.23
C LEU B 10 -6.58 -7.28 -0.11
N ALA B 11 -7.70 -6.75 -0.56
CA ALA B 11 -8.89 -7.56 -0.69
C ALA B 11 -8.75 -8.52 -1.86
N VAL B 12 -9.10 -9.78 -1.64
CA VAL B 12 -8.95 -10.81 -2.66
C VAL B 12 -10.27 -11.52 -2.84
N SER B 13 -10.53 -11.97 -4.06
CA SER B 13 -11.78 -12.66 -4.35
C SER B 13 -11.71 -14.14 -4.05
N GLN B 14 -10.53 -14.75 -4.15
CA GLN B 14 -10.33 -16.17 -3.90
C GLN B 14 -9.01 -16.33 -3.16
N LEU B 15 -9.07 -16.87 -1.95
CA LEU B 15 -7.89 -16.87 -1.09
C LEU B 15 -6.79 -17.78 -1.61
N ALA B 16 -7.14 -18.98 -2.06
CA ALA B 16 -6.10 -19.92 -2.47
C ALA B 16 -5.23 -19.40 -3.61
N PRO B 17 -5.78 -18.89 -4.72
CA PRO B 17 -4.87 -18.38 -5.76
C PRO B 17 -4.10 -17.17 -5.33
N SER B 18 -4.65 -16.36 -4.44
CA SER B 18 -3.89 -15.20 -4.00
C SER B 18 -2.72 -15.63 -3.11
N VAL B 19 -2.95 -16.58 -2.21
CA VAL B 19 -1.84 -17.13 -1.42
C VAL B 19 -0.79 -17.74 -2.33
N ALA B 20 -1.22 -18.49 -3.35
CA ALA B 20 -0.25 -19.07 -4.27
C ALA B 20 0.58 -18.01 -4.96
N PHE B 21 -0.08 -16.92 -5.39
CA PHE B 21 0.63 -15.86 -6.09
C PHE B 21 1.66 -15.20 -5.19
N TYR B 22 1.25 -14.77 -3.99
CA TYR B 22 2.17 -14.03 -3.15
C TYR B 22 3.23 -14.92 -2.49
N GLN B 23 2.86 -16.10 -2.02
CA GLN B 23 3.83 -17.00 -1.39
C GLN B 23 4.70 -17.70 -2.42
N GLN B 24 4.09 -18.44 -3.33
CA GLN B 24 4.86 -19.31 -4.21
C GLN B 24 5.47 -18.56 -5.38
N LEU B 25 4.69 -17.77 -6.11
CA LEU B 25 5.24 -17.08 -7.26
C LEU B 25 6.14 -15.95 -6.83
N LEU B 26 5.68 -15.10 -5.91
N LEU B 26 5.69 -15.12 -5.88
CA LEU B 26 6.48 -13.94 -5.51
CA LEU B 26 6.46 -13.95 -5.50
C LEU B 26 7.51 -14.25 -4.44
C LEU B 26 7.39 -14.17 -4.33
N GLY B 27 7.36 -15.36 -3.72
CA GLY B 27 8.33 -15.74 -2.72
C GLY B 27 8.17 -15.14 -1.35
N MET B 28 7.01 -14.56 -1.03
CA MET B 28 6.80 -14.01 0.30
C MET B 28 6.59 -15.12 1.32
N THR B 29 6.84 -14.80 2.58
CA THR B 29 6.75 -15.78 3.65
C THR B 29 5.33 -15.79 4.20
N LEU B 30 4.71 -16.97 4.23
CA LEU B 30 3.37 -17.13 4.79
C LEU B 30 3.49 -17.43 6.28
N HIS B 31 2.94 -16.55 7.11
CA HIS B 31 2.98 -16.75 8.56
C HIS B 31 1.72 -17.38 9.13
N ALA B 32 0.56 -17.08 8.57
CA ALA B 32 -0.68 -17.62 9.10
C ALA B 32 -1.75 -17.51 8.03
N ARG B 33 -2.72 -18.40 8.12
CA ARG B 33 -3.87 -18.37 7.23
C ARG B 33 -5.09 -18.77 8.04
N TRP B 34 -6.23 -18.18 7.74
CA TRP B 34 -7.49 -18.53 8.38
C TRP B 34 -8.54 -18.60 7.29
N ASP B 35 -9.78 -18.86 7.69
CA ASP B 35 -10.80 -19.12 6.69
C ASP B 35 -11.00 -17.93 5.77
N SER B 36 -10.70 -16.71 6.23
CA SER B 36 -10.96 -15.53 5.42
C SER B 36 -9.74 -14.63 5.23
N GLY B 37 -8.53 -15.14 5.39
CA GLY B 37 -7.39 -14.30 5.07
C GLY B 37 -6.07 -15.00 5.34
N ALA B 38 -5.02 -14.23 5.15
CA ALA B 38 -3.67 -14.69 5.40
C ALA B 38 -2.77 -13.52 5.76
N TYR B 39 -1.72 -13.82 6.51
CA TYR B 39 -0.64 -12.88 6.78
C TYR B 39 0.65 -13.39 6.18
N LEU B 40 1.33 -12.51 5.43
CA LEU B 40 2.62 -12.79 4.83
C LEU B 40 3.56 -11.64 5.18
N SER B 41 4.84 -11.90 5.04
CA SER B 41 5.83 -10.84 5.10
C SER B 41 6.71 -10.88 3.87
N CYS B 42 7.23 -9.71 3.55
CA CYS B 42 8.17 -9.52 2.45
C CYS B 42 9.16 -8.49 2.98
N GLY B 43 10.33 -8.93 3.43
CA GLY B 43 11.18 -7.97 4.13
C GLY B 43 10.43 -7.43 5.32
N ASP B 44 10.46 -6.11 5.48
N ASP B 44 10.45 -6.10 5.49
CA ASP B 44 9.75 -5.45 6.56
CA ASP B 44 9.73 -5.45 6.58
C ASP B 44 8.32 -5.09 6.21
C ASP B 44 8.24 -5.35 6.34
N LEU B 45 7.78 -5.62 5.11
CA LEU B 45 6.37 -5.46 4.80
C LEU B 45 5.54 -6.56 5.42
N TRP B 46 4.52 -6.14 6.15
CA TRP B 46 3.44 -7.00 6.62
C TRP B 46 2.31 -6.87 5.60
N LEU B 47 2.02 -7.95 4.90
CA LEU B 47 0.96 -8.03 3.92
C LEU B 47 -0.17 -8.87 4.47
N CYS B 48 -1.40 -8.37 4.37
N CYS B 48 -1.40 -8.35 4.39
CA CYS B 48 -2.58 -9.13 4.72
CA CYS B 48 -2.59 -9.10 4.70
C CYS B 48 -3.41 -9.32 3.47
C CYS B 48 -3.34 -9.34 3.39
N LEU B 49 -3.78 -10.58 3.18
CA LEU B 49 -4.75 -10.90 2.15
C LEU B 49 -6.07 -11.13 2.87
N SER B 50 -7.10 -10.39 2.47
CA SER B 50 -8.41 -10.47 3.13
C SER B 50 -9.45 -10.91 2.12
N LEU B 51 -10.04 -12.08 2.33
CA LEU B 51 -11.07 -12.59 1.44
C LEU B 51 -12.27 -11.66 1.53
N ASP B 52 -12.70 -11.14 0.40
CA ASP B 52 -13.75 -10.13 0.40
C ASP B 52 -14.67 -10.38 -0.79
N PRO B 53 -15.92 -10.78 -0.61
N PRO B 53 -15.92 -10.78 -0.54
CA PRO B 53 -16.76 -11.01 -1.80
CA PRO B 53 -16.90 -10.87 -1.64
C PRO B 53 -17.00 -9.74 -2.62
C PRO B 53 -17.12 -9.56 -2.38
N GLN B 54 -16.78 -8.56 -2.04
N GLN B 54 -16.68 -8.43 -1.84
CA GLN B 54 -16.89 -7.33 -2.78
CA GLN B 54 -16.75 -7.16 -2.56
C GLN B 54 -15.71 -7.06 -3.69
C GLN B 54 -15.75 -7.11 -3.71
N ARG B 55 -14.64 -7.84 -3.62
CA ARG B 55 -13.54 -7.63 -4.55
C ARG B 55 -13.91 -8.10 -5.94
N ARG B 56 -13.79 -7.22 -6.92
N ARG B 56 -13.82 -7.19 -6.91
CA ARG B 56 -14.01 -7.56 -8.31
CA ARG B 56 -13.99 -7.50 -8.33
C ARG B 56 -12.67 -7.79 -8.99
C ARG B 56 -12.64 -7.80 -8.97
N VAL B 57 -12.62 -8.80 -9.87
CA VAL B 57 -11.44 -8.99 -10.70
C VAL B 57 -11.43 -7.86 -11.71
N THR B 58 -10.51 -6.91 -11.56
CA THR B 58 -10.67 -5.60 -12.20
C THR B 58 -9.65 -5.42 -13.31
N PRO B 59 -10.09 -5.25 -14.56
CA PRO B 59 -9.14 -4.97 -15.62
C PRO B 59 -8.38 -3.69 -15.34
N PRO B 60 -7.14 -3.57 -15.83
CA PRO B 60 -6.32 -2.40 -15.48
C PRO B 60 -6.85 -1.11 -16.09
N GLU B 61 -7.57 -1.17 -17.20
CA GLU B 61 -8.18 0.02 -17.75
C GLU B 61 -9.29 0.55 -16.86
N GLU B 62 -9.80 -0.26 -15.93
CA GLU B 62 -10.93 0.12 -15.10
C GLU B 62 -10.54 0.51 -13.69
N SER B 63 -9.27 0.51 -13.36
CA SER B 63 -8.81 0.98 -12.07
C SER B 63 -7.90 2.18 -12.28
N ASP B 64 -7.77 2.99 -11.23
CA ASP B 64 -6.90 4.14 -11.26
C ASP B 64 -5.44 3.70 -11.05
N TYR B 65 -4.55 4.67 -10.94
CA TYR B 65 -3.11 4.43 -10.92
C TYR B 65 -2.59 4.00 -9.56
N THR B 66 -3.44 3.84 -8.55
CA THR B 66 -2.97 3.39 -7.26
C THR B 66 -2.23 2.07 -7.42
N HIS B 67 -1.05 1.95 -6.84
CA HIS B 67 -0.27 0.72 -7.04
C HIS B 67 0.75 0.55 -5.92
N TYR B 68 1.28 -0.67 -5.86
CA TYR B 68 2.13 -1.12 -4.77
C TYR B 68 3.41 -1.66 -5.36
N ALA B 69 4.54 -1.03 -5.06
CA ALA B 69 5.82 -1.42 -5.62
C ALA B 69 6.66 -2.15 -4.58
N PHE B 70 7.26 -3.27 -4.97
CA PHE B 70 8.15 -4.05 -4.14
C PHE B 70 9.59 -3.83 -4.54
N SER B 71 10.48 -3.81 -3.54
CA SER B 71 11.90 -3.64 -3.82
C SER B 71 12.55 -4.94 -4.25
N ILE B 72 13.45 -4.81 -5.22
CA ILE B 72 14.29 -5.90 -5.70
C ILE B 72 15.62 -5.29 -6.09
N SER B 73 16.68 -6.07 -6.02
CA SER B 73 17.96 -5.53 -6.46
C SER B 73 18.03 -5.49 -7.99
N GLU B 74 18.87 -4.60 -8.51
CA GLU B 74 19.12 -4.58 -9.95
C GLU B 74 19.56 -5.94 -10.45
N ALA B 75 20.43 -6.61 -9.69
CA ALA B 75 20.96 -7.87 -10.16
C ALA B 75 19.89 -8.94 -10.27
N ASP B 76 18.84 -8.89 -9.45
CA ASP B 76 17.80 -9.90 -9.46
C ASP B 76 16.61 -9.55 -10.36
N PHE B 77 16.54 -8.30 -10.81
CA PHE B 77 15.34 -7.77 -11.48
C PHE B 77 14.97 -8.59 -12.72
N ALA B 78 15.91 -8.79 -13.64
CA ALA B 78 15.56 -9.39 -14.93
C ALA B 78 15.07 -10.82 -14.78
N SER B 79 15.68 -11.60 -13.88
N SER B 79 15.73 -11.60 -13.92
CA SER B 79 15.22 -12.99 -13.75
CA SER B 79 15.29 -12.96 -13.67
C SER B 79 13.88 -13.05 -13.04
C SER B 79 13.86 -12.98 -13.12
N PHE B 80 13.57 -12.09 -12.16
CA PHE B 80 12.26 -12.09 -11.53
C PHE B 80 11.19 -11.68 -12.53
N ALA B 81 11.48 -10.66 -13.34
CA ALA B 81 10.56 -10.31 -14.41
C ALA B 81 10.32 -11.50 -15.33
N ALA B 82 11.37 -12.24 -15.66
CA ALA B 82 11.22 -13.38 -16.56
C ALA B 82 10.37 -14.48 -15.93
N ARG B 83 10.48 -14.65 -14.61
CA ARG B 83 9.64 -15.59 -13.88
C ARG B 83 8.18 -15.23 -13.99
N LEU B 84 7.86 -13.96 -13.78
CA LEU B 84 6.49 -13.49 -13.93
C LEU B 84 5.99 -13.70 -15.35
N GLU B 85 6.85 -13.43 -16.33
N GLU B 85 6.83 -13.40 -16.33
CA GLU B 85 6.46 -13.61 -17.73
CA GLU B 85 6.42 -13.62 -17.71
C GLU B 85 6.23 -15.08 -18.05
C GLU B 85 6.16 -15.09 -17.98
N ALA B 86 7.05 -15.97 -17.50
CA ALA B 86 6.85 -17.39 -17.74
C ALA B 86 5.51 -17.85 -17.17
N ALA B 87 5.15 -17.31 -16.01
CA ALA B 87 3.89 -17.62 -15.35
C ALA B 87 2.70 -16.95 -16.01
N GLY B 88 2.92 -16.16 -17.05
CA GLY B 88 1.83 -15.54 -17.75
C GLY B 88 1.23 -14.35 -17.04
N VAL B 89 1.96 -13.72 -16.13
CA VAL B 89 1.41 -12.59 -15.38
C VAL B 89 1.33 -11.38 -16.29
N ALA B 90 0.18 -10.73 -16.32
CA ALA B 90 0.00 -9.60 -17.22
C ALA B 90 0.73 -8.35 -16.74
N VAL B 91 1.20 -7.58 -17.72
CA VAL B 91 1.82 -6.28 -17.53
C VAL B 91 0.79 -5.20 -17.82
N TRP B 92 0.79 -4.16 -17.00
CA TRP B 92 -0.17 -3.07 -17.16
C TRP B 92 0.44 -1.76 -17.62
N LYS B 93 1.76 -1.66 -17.75
CA LYS B 93 2.43 -0.42 -18.10
C LYS B 93 3.86 -0.77 -18.49
N LEU B 94 4.45 -0.01 -19.42
CA LEU B 94 5.89 -0.07 -19.68
C LEU B 94 6.64 0.97 -18.85
N ASN B 95 7.87 0.64 -18.48
CA ASN B 95 8.70 1.60 -17.74
C ASN B 95 9.22 2.73 -18.63
N ARG B 96 9.02 3.98 -18.17
CA ARG B 96 9.55 5.18 -18.80
C ARG B 96 10.19 6.14 -17.79
N SER B 97 10.47 5.68 -16.57
N SER B 97 10.57 5.66 -16.61
CA SER B 97 11.04 6.51 -15.50
CA SER B 97 11.12 6.54 -15.59
C SER B 97 12.41 5.97 -15.10
C SER B 97 12.33 5.88 -14.94
N GLU B 98 13.05 6.66 -14.14
CA GLU B 98 14.37 6.23 -13.70
C GLU B 98 14.26 5.05 -12.76
N GLY B 99 15.23 4.15 -12.86
CA GLY B 99 15.21 2.93 -12.10
C GLY B 99 14.39 1.89 -12.81
N ALA B 100 14.89 0.68 -12.83
CA ALA B 100 14.15 -0.42 -13.43
C ALA B 100 12.80 -0.58 -12.73
N SER B 101 11.77 -0.82 -13.54
CA SER B 101 10.43 -1.09 -13.04
C SER B 101 9.74 -2.09 -13.95
N HIS B 102 9.04 -3.03 -13.33
CA HIS B 102 8.21 -4.01 -14.03
C HIS B 102 6.82 -3.90 -13.44
N TYR B 103 5.82 -3.60 -14.27
CA TYR B 103 4.47 -3.30 -13.80
C TYR B 103 3.56 -4.49 -14.11
N PHE B 104 3.06 -5.16 -13.08
CA PHE B 104 2.35 -6.42 -13.26
C PHE B 104 1.11 -6.45 -12.39
N LEU B 105 0.18 -7.33 -12.76
CA LEU B 105 -1.11 -7.43 -12.10
C LEU B 105 -1.19 -8.69 -11.25
N ASP B 106 -1.84 -8.58 -10.10
CA ASP B 106 -2.16 -9.75 -9.28
C ASP B 106 -3.44 -10.40 -9.81
N PRO B 107 -3.83 -11.54 -9.25
CA PRO B 107 -4.99 -12.26 -9.78
C PRO B 107 -6.30 -11.49 -9.79
N ASP B 108 -6.45 -10.51 -8.90
CA ASP B 108 -7.65 -9.69 -8.83
C ASP B 108 -7.48 -8.36 -9.54
N GLY B 109 -6.34 -8.14 -10.19
CA GLY B 109 -6.09 -6.88 -10.85
C GLY B 109 -5.45 -5.83 -9.98
N HIS B 110 -5.02 -6.16 -8.76
CA HIS B 110 -4.25 -5.16 -8.03
C HIS B 110 -3.00 -4.82 -8.83
N LYS B 111 -2.70 -3.54 -8.92
CA LYS B 111 -1.56 -3.05 -9.68
C LYS B 111 -0.31 -3.09 -8.83
N LEU B 112 0.64 -3.92 -9.27
CA LEU B 112 1.91 -4.13 -8.60
C LEU B 112 3.07 -3.65 -9.47
N GLU B 113 4.22 -3.55 -8.83
CA GLU B 113 5.41 -3.09 -9.52
C GLU B 113 6.61 -3.72 -8.83
N LEU B 114 7.63 -4.10 -9.60
CA LEU B 114 8.97 -4.33 -9.08
C LEU B 114 9.75 -3.06 -9.40
N HIS B 115 10.41 -2.48 -8.40
CA HIS B 115 11.22 -1.29 -8.64
C HIS B 115 12.58 -1.41 -7.97
N VAL B 116 13.60 -0.94 -8.68
CA VAL B 116 14.96 -0.78 -8.19
C VAL B 116 15.22 0.71 -7.99
N GLY B 117 15.46 1.09 -6.74
CA GLY B 117 15.83 2.46 -6.44
C GLY B 117 15.00 3.04 -5.32
N SER B 118 15.63 3.90 -4.54
CA SER B 118 15.04 4.53 -3.36
C SER B 118 14.43 5.88 -3.69
N LEU B 119 13.72 6.43 -2.69
CA LEU B 119 13.28 7.81 -2.78
C LEU B 119 14.46 8.76 -2.98
N ALA B 120 15.54 8.55 -2.25
CA ALA B 120 16.70 9.42 -2.38
C ALA B 120 17.23 9.42 -3.82
N GLN B 121 17.28 8.25 -4.45
CA GLN B 121 17.74 8.16 -5.83
C GLN B 121 16.78 8.91 -6.75
N ARG B 122 15.49 8.75 -6.52
CA ARG B 122 14.52 9.46 -7.35
C ARG B 122 14.66 10.96 -7.18
N LEU B 123 14.79 11.44 -5.95
CA LEU B 123 14.92 12.87 -5.72
C LEU B 123 16.18 13.43 -6.36
N ALA B 124 17.29 12.68 -6.30
CA ALA B 124 18.52 13.14 -6.93
C ALA B 124 18.33 13.30 -8.43
N ALA B 125 17.68 12.32 -9.07
CA ALA B 125 17.41 12.40 -10.51
C ALA B 125 16.50 13.58 -10.81
N CYS B 126 15.48 13.79 -9.98
CA CYS B 126 14.57 14.91 -10.18
C CYS B 126 15.23 16.26 -10.00
N ARG B 127 16.18 16.37 -9.07
N ARG B 127 16.17 16.38 -9.05
CA ARG B 127 16.86 17.65 -8.89
CA ARG B 127 16.86 17.64 -8.90
C ARG B 127 17.67 18.01 -10.12
C ARG B 127 17.58 18.00 -10.19
N GLU B 128 18.21 17.02 -10.82
CA GLU B 128 18.93 17.28 -12.08
C GLU B 128 17.99 17.56 -13.25
N GLN B 129 16.80 16.98 -13.24
CA GLN B 129 15.87 17.08 -14.36
C GLN B 129 14.47 17.17 -13.77
N PRO B 130 14.10 18.34 -13.27
CA PRO B 130 12.83 18.42 -12.52
C PRO B 130 11.63 18.25 -13.41
N TYR B 131 10.61 17.59 -12.88
CA TYR B 131 9.35 17.51 -13.57
C TYR B 131 8.71 18.90 -13.66
N LYS B 132 7.71 19.01 -14.52
N LYS B 132 7.74 19.02 -14.56
CA LYS B 132 7.05 20.29 -14.74
CA LYS B 132 7.09 20.31 -14.75
C LYS B 132 6.41 20.78 -13.44
C LYS B 132 6.44 20.77 -13.45
N GLY B 133 6.77 21.99 -13.02
CA GLY B 133 6.23 22.57 -11.82
C GLY B 133 6.88 22.09 -10.55
N MET B 134 8.00 21.39 -10.62
CA MET B 134 8.55 20.75 -9.43
C MET B 134 9.22 21.74 -8.49
N VAL B 135 8.89 21.58 -7.22
CA VAL B 135 9.43 22.32 -6.10
C VAL B 135 9.87 21.30 -5.07
N PHE B 136 11.01 21.57 -4.44
CA PHE B 136 11.59 20.71 -3.41
C PHE B 136 11.46 21.39 -2.06
N PHE B 137 11.41 20.57 -1.02
CA PHE B 137 11.23 21.06 0.34
C PHE B 137 12.27 20.49 1.26
C1 A1JH8 C . 1.93 21.39 1.58
C3 A1JH8 C . 2.81 22.05 -0.51
C5 A1JH8 C . 3.81 22.93 -1.21
C6 A1JH8 C . 3.19 23.94 -2.16
C11 A1JH8 C . 0.14 27.23 -4.45
C12 A1JH8 C . 2.84 24.78 -4.40
C7 A1JH8 C . 2.19 24.79 -1.71
C13 A1JH8 C . 3.51 23.95 -3.52
C15 A1JH8 C . 4.80 23.05 -5.27
C8 A1JH8 C . 1.52 25.64 -2.58
C9 A1JH8 C . 1.85 25.62 -3.93
O10 A1JH8 C . 1.20 26.37 -4.88
O14 A1JH8 C . 4.52 23.13 -3.90
O2 A1JH8 C . 2.85 22.22 0.81
O4 A1JH8 C . 2.07 21.28 -1.05
H1C A1JH8 C . 2.02 21.57 2.53
H1B A1JH8 C . 2.11 20.44 1.42
H1A A1JH8 C . 1.00 21.57 1.31
H5A A1JH8 C . 4.43 22.35 -1.69
H5B A1JH8 C . 4.33 23.40 -0.53
H11A A1JH8 C . -0.35 27.59 -5.21
H11B A1JH8 C . 0.48 27.98 -3.93
H11C A1JH8 C . -0.50 26.74 -3.89
H12 A1JH8 C . 3.04 24.79 -5.36
H7 A1JH8 C . 1.94 24.83 -0.76
H15A A1JH8 C . 5.50 22.37 -5.40
H15B A1JH8 C . 5.11 23.94 -5.56
H15C A1JH8 C . 3.97 22.80 -5.73
H8 A1JH8 C . 0.82 26.23 -2.22
C1 EDO D . -2.17 9.25 -13.81
O1 EDO D . -1.74 9.25 -12.45
C2 EDO D . -1.38 8.24 -14.60
O2 EDO D . -0.02 8.33 -14.23
H11 EDO D . -2.05 10.13 -14.20
H12 EDO D . -3.11 9.04 -13.87
HO1 EDO D . -2.21 9.83 -12.03
H21 EDO D . -1.52 8.43 -15.54
H22 EDO D . -1.76 7.36 -14.42
HO2 EDO D . 0.42 7.77 -14.69
MN MN E . -5.65 -3.23 8.84
S DMS F . 8.16 -7.54 9.59
O DMS F . 7.60 -7.24 10.95
C1 DMS F . 6.73 -7.47 8.49
C2 DMS F . 8.27 -9.33 9.45
H11 DMS F . 7.02 -7.42 7.57
H12 DMS F . 6.19 -6.69 8.71
H13 DMS F . 6.19 -8.27 8.62
H21 DMS F . 7.44 -9.74 9.74
H22 DMS F . 9.00 -9.65 10.02
H23 DMS F . 8.46 -9.58 8.54
MN MN G . 5.52 3.19 -9.00
#